data_1BUX
#
_entry.id   1BUX
#
_cell.length_a   71.500
_cell.length_b   71.500
_cell.length_c   153.900
_cell.angle_alpha   90.00
_cell.angle_beta   90.00
_cell.angle_gamma   120.00
#
_symmetry.space_group_name_H-M   'P 31 2 1'
#
loop_
_entity.id
_entity.type
_entity.pdbx_description
1 polymer 'NUCLEOSIDE DIPHOSPHATE KINASE'
2 non-polymer "3'-PHOSPHATE-ADENOSINE-5'-PHOSPHATE SULFATE"
#
_entity_poly.entity_id   1
_entity_poly.type   'polypeptide(L)'
_entity_poly.pdbx_seq_one_letter_code
;MSTNKVNKERTFLAVKPDGVARGLVGEIIARYEKKGFVLVGLKQLVPTKDLAESHYAEHKERPFFGGLVSFITSGPVVAM
VFEGKGVVASARLMIGVTNPLASAPGSIRGDFGVDVGRNIIHGSDSVESANREIALWFKPEELLTEVKPNPNLYE
;
_entity_poly.pdbx_strand_id   A,B,C
#
loop_
_chem_comp.id
_chem_comp.type
_chem_comp.name
_chem_comp.formula
PPS non-polymer '3'-PHOSPHATE-ADENOSINE-5'-PHOSPHATE SULFATE' 'C10 H15 N5 O13 P2 S'
#
# COMPACT_ATOMS: atom_id res chain seq x y z
N VAL A 6 21.45 -12.59 -10.20
CA VAL A 6 21.55 -11.79 -11.45
C VAL A 6 20.16 -11.25 -11.83
N ASN A 7 20.16 -10.20 -12.64
CA ASN A 7 18.94 -9.54 -13.10
C ASN A 7 18.24 -10.39 -14.17
N LYS A 8 18.31 -11.71 -14.03
CA LYS A 8 17.72 -12.60 -15.00
C LYS A 8 16.96 -13.68 -14.28
N GLU A 9 16.83 -13.52 -12.97
CA GLU A 9 16.09 -14.49 -12.18
C GLU A 9 14.66 -14.45 -12.66
N ARG A 10 13.95 -15.56 -12.54
CA ARG A 10 12.55 -15.58 -12.97
C ARG A 10 11.66 -16.29 -11.94
N THR A 11 10.35 -16.05 -12.02
CA THR A 11 9.38 -16.65 -11.13
C THR A 11 8.17 -16.96 -11.95
N PHE A 12 7.37 -17.88 -11.44
CA PHE A 12 6.13 -18.21 -12.08
C PHE A 12 4.98 -17.68 -11.24
N LEU A 13 4.10 -16.92 -11.89
CA LEU A 13 2.91 -16.35 -11.27
C LEU A 13 1.71 -16.85 -12.04
N ALA A 14 0.58 -16.98 -11.38
CA ALA A 14 -0.61 -17.45 -12.02
C ALA A 14 -1.83 -16.91 -11.30
N VAL A 15 -2.57 -16.03 -11.97
CA VAL A 15 -3.78 -15.48 -11.37
C VAL A 15 -4.73 -16.67 -11.45
N LYS A 16 -5.20 -17.15 -10.30
CA LYS A 16 -6.13 -18.31 -10.23
C LYS A 16 -7.56 -17.93 -10.64
N PRO A 17 -8.45 -18.92 -10.79
CA PRO A 17 -9.84 -18.69 -11.21
C PRO A 17 -10.66 -17.59 -10.54
N ASP A 18 -10.34 -17.28 -9.28
CA ASP A 18 -11.06 -16.24 -8.57
C ASP A 18 -10.54 -14.84 -8.92
N GLY A 19 -9.23 -14.72 -9.15
CA GLY A 19 -8.66 -13.43 -9.55
C GLY A 19 -9.17 -13.10 -10.96
N VAL A 20 -9.11 -14.09 -11.82
CA VAL A 20 -9.58 -13.94 -13.17
C VAL A 20 -11.06 -13.52 -13.17
N ALA A 21 -11.93 -14.34 -12.57
CA ALA A 21 -13.37 -14.06 -12.55
C ALA A 21 -13.76 -12.71 -11.91
N ARG A 22 -13.00 -12.28 -10.91
CA ARG A 22 -13.25 -11.01 -10.23
C ARG A 22 -12.65 -9.82 -11.01
N GLY A 23 -12.06 -10.10 -12.18
CA GLY A 23 -11.45 -9.07 -12.99
C GLY A 23 -10.19 -8.41 -12.46
N LEU A 24 -9.29 -9.18 -11.85
CA LEU A 24 -8.06 -8.63 -11.28
C LEU A 24 -6.79 -8.87 -12.09
N VAL A 25 -6.93 -9.33 -13.34
CA VAL A 25 -5.77 -9.63 -14.17
C VAL A 25 -4.90 -8.41 -14.44
N GLY A 26 -5.46 -7.36 -15.02
CA GLY A 26 -4.65 -6.18 -15.30
C GLY A 26 -4.03 -5.51 -14.08
N GLU A 27 -4.81 -5.44 -12.98
CA GLU A 27 -4.34 -4.82 -11.75
C GLU A 27 -3.12 -5.54 -11.25
N ILE A 28 -3.23 -6.86 -11.18
CA ILE A 28 -2.10 -7.67 -10.74
C ILE A 28 -0.90 -7.53 -11.68
N ILE A 29 -1.10 -7.63 -13.01
CA ILE A 29 0.04 -7.46 -13.94
C ILE A 29 0.68 -6.09 -13.79
N ALA A 30 -0.16 -5.04 -13.76
CA ALA A 30 0.32 -3.65 -13.62
C ALA A 30 1.22 -3.43 -12.42
N ARG A 31 0.92 -4.08 -11.30
CA ARG A 31 1.74 -3.92 -10.11
C ARG A 31 3.15 -4.38 -10.36
N TYR A 32 3.28 -5.49 -11.06
CA TYR A 32 4.62 -6.02 -11.34
C TYR A 32 5.33 -5.15 -12.37
N GLU A 33 4.61 -4.71 -13.40
CA GLU A 33 5.19 -3.84 -14.44
C GLU A 33 5.75 -2.56 -13.83
N LYS A 34 4.98 -1.95 -12.92
CA LYS A 34 5.36 -0.72 -12.23
C LYS A 34 6.62 -0.88 -11.38
N LYS A 35 6.80 -2.10 -10.86
CA LYS A 35 7.93 -2.47 -10.00
C LYS A 35 9.23 -2.50 -10.83
N GLY A 36 9.16 -3.00 -12.05
CA GLY A 36 10.36 -3.02 -12.86
C GLY A 36 10.70 -4.36 -13.46
N PHE A 37 9.84 -5.35 -13.25
CA PHE A 37 10.09 -6.67 -13.78
C PHE A 37 9.55 -6.79 -15.18
N VAL A 38 10.23 -7.56 -16.01
CA VAL A 38 9.80 -7.74 -17.39
C VAL A 38 8.99 -8.99 -17.57
N LEU A 39 7.92 -8.90 -18.36
CA LEU A 39 7.07 -10.05 -18.60
C LEU A 39 7.92 -10.84 -19.56
N VAL A 40 7.96 -12.15 -19.38
CA VAL A 40 8.78 -13.01 -20.21
C VAL A 40 7.94 -14.07 -20.91
N GLY A 41 6.71 -14.26 -20.46
CA GLY A 41 5.82 -15.25 -21.04
C GLY A 41 4.48 -14.94 -20.42
N LEU A 42 3.38 -15.28 -21.10
CA LEU A 42 2.03 -14.96 -20.62
C LEU A 42 1.09 -15.76 -21.43
N LYS A 43 0.03 -16.25 -20.80
CA LYS A 43 -0.97 -17.01 -21.53
C LYS A 43 -2.12 -17.39 -20.59
N GLN A 44 -3.26 -17.69 -21.21
CA GLN A 44 -4.46 -18.07 -20.51
C GLN A 44 -4.87 -19.49 -20.89
N LEU A 45 -5.25 -20.27 -19.89
CA LEU A 45 -5.62 -21.65 -20.11
C LEU A 45 -6.37 -22.14 -18.91
N VAL A 46 -7.05 -23.24 -19.07
CA VAL A 46 -7.75 -23.84 -17.97
C VAL A 46 -6.88 -25.05 -17.67
N PRO A 47 -6.35 -25.14 -16.44
CA PRO A 47 -5.49 -26.23 -15.98
C PRO A 47 -6.21 -27.58 -16.02
N THR A 48 -5.46 -28.66 -16.24
CA THR A 48 -6.08 -29.98 -16.27
C THR A 48 -5.76 -30.60 -14.92
N LYS A 49 -6.56 -31.60 -14.51
CA LYS A 49 -6.35 -32.28 -13.23
C LYS A 49 -4.87 -32.67 -13.07
N ASP A 50 -4.29 -33.20 -14.15
CA ASP A 50 -2.91 -33.62 -14.20
C ASP A 50 -1.97 -32.47 -13.81
N LEU A 51 -2.14 -31.34 -14.49
CA LEU A 51 -1.34 -30.12 -14.29
C LEU A 51 -1.47 -29.55 -12.86
N ALA A 52 -2.70 -29.59 -12.35
CA ALA A 52 -3.01 -29.12 -11.02
C ALA A 52 -2.30 -30.02 -10.00
N GLU A 53 -2.54 -31.32 -10.07
CA GLU A 53 -1.91 -32.26 -9.15
C GLU A 53 -0.40 -32.10 -9.14
N SER A 54 0.18 -32.10 -10.34
CA SER A 54 1.62 -31.96 -10.52
C SER A 54 2.10 -30.64 -9.95
N HIS A 55 1.38 -29.58 -10.27
CA HIS A 55 1.75 -28.25 -9.81
C HIS A 55 1.76 -28.27 -8.27
N TYR A 56 0.73 -28.88 -7.70
CA TYR A 56 0.57 -28.95 -6.26
C TYR A 56 1.14 -30.21 -5.59
N ALA A 57 2.07 -30.85 -6.27
CA ALA A 57 2.73 -32.09 -5.82
C ALA A 57 3.11 -32.21 -4.33
N GLU A 58 3.80 -31.19 -3.81
CA GLU A 58 4.26 -31.17 -2.42
C GLU A 58 3.16 -31.13 -1.39
N HIS A 59 1.90 -31.03 -1.83
CA HIS A 59 0.76 -30.97 -0.91
C HIS A 59 -0.15 -32.12 -1.20
N LYS A 60 0.42 -33.20 -1.74
CA LYS A 60 -0.31 -34.42 -2.12
C LYS A 60 -1.21 -35.03 -1.04
N GLU A 61 -0.69 -35.17 0.17
CA GLU A 61 -1.49 -35.76 1.24
C GLU A 61 -2.01 -34.77 2.28
N ARG A 62 -2.28 -33.54 1.87
CA ARG A 62 -2.77 -32.51 2.79
C ARG A 62 -4.27 -32.40 2.62
N PRO A 63 -4.98 -32.18 3.72
CA PRO A 63 -6.45 -32.06 3.70
C PRO A 63 -6.99 -31.14 2.60
N PHE A 64 -6.24 -30.08 2.26
CA PHE A 64 -6.68 -29.13 1.26
C PHE A 64 -6.34 -29.45 -0.19
N PHE A 65 -5.35 -30.32 -0.42
CA PHE A 65 -4.96 -30.68 -1.79
C PHE A 65 -6.18 -30.99 -2.65
N GLY A 66 -7.18 -31.63 -2.05
CA GLY A 66 -8.39 -31.96 -2.78
C GLY A 66 -8.93 -30.74 -3.48
N GLY A 67 -9.33 -29.75 -2.68
CA GLY A 67 -9.89 -28.53 -3.20
C GLY A 67 -8.97 -27.68 -4.06
N LEU A 68 -7.67 -27.70 -3.80
CA LEU A 68 -6.78 -26.88 -4.60
C LEU A 68 -6.89 -27.31 -6.05
N VAL A 69 -6.71 -28.60 -6.27
CA VAL A 69 -6.75 -29.21 -7.60
C VAL A 69 -8.08 -28.93 -8.32
N SER A 70 -9.19 -29.17 -7.64
CA SER A 70 -10.47 -28.95 -8.24
C SER A 70 -10.69 -27.50 -8.68
N PHE A 71 -10.57 -26.58 -7.74
CA PHE A 71 -10.76 -25.17 -8.02
C PHE A 71 -9.81 -24.64 -9.11
N ILE A 72 -8.51 -24.89 -9.00
CA ILE A 72 -7.58 -24.36 -10.01
C ILE A 72 -7.84 -24.91 -11.43
N THR A 73 -8.78 -25.83 -11.55
CA THR A 73 -9.15 -26.40 -12.85
C THR A 73 -10.64 -26.13 -13.10
N SER A 74 -11.24 -25.32 -12.25
CA SER A 74 -12.65 -25.00 -12.40
C SER A 74 -12.84 -23.85 -13.36
N GLY A 75 -11.72 -23.33 -13.89
CA GLY A 75 -11.81 -22.22 -14.81
C GLY A 75 -10.48 -21.79 -15.35
N PRO A 76 -10.46 -20.74 -16.20
CA PRO A 76 -9.28 -20.16 -16.84
C PRO A 76 -8.31 -19.66 -15.80
N VAL A 77 -7.02 -19.68 -16.13
CA VAL A 77 -5.98 -19.24 -15.25
C VAL A 77 -5.03 -18.47 -16.14
N VAL A 78 -4.61 -17.30 -15.70
CA VAL A 78 -3.69 -16.55 -16.50
C VAL A 78 -2.34 -16.87 -15.95
N ALA A 79 -1.63 -17.77 -16.61
CA ALA A 79 -0.30 -18.13 -16.17
C ALA A 79 0.67 -17.11 -16.75
N MET A 80 1.75 -16.79 -16.03
CA MET A 80 2.75 -15.83 -16.49
C MET A 80 4.08 -16.02 -15.80
N VAL A 81 5.14 -15.47 -16.41
CA VAL A 81 6.53 -15.56 -15.95
C VAL A 81 7.19 -14.20 -15.98
N PHE A 82 7.55 -13.64 -14.83
CA PHE A 82 8.22 -12.36 -14.82
C PHE A 82 9.74 -12.61 -14.64
N GLU A 83 10.58 -11.57 -14.87
CA GLU A 83 12.04 -11.66 -14.74
C GLU A 83 12.64 -10.38 -14.18
N GLY A 84 13.66 -10.51 -13.34
CA GLY A 84 14.28 -9.35 -12.78
C GLY A 84 14.99 -9.72 -11.49
N LYS A 85 15.92 -8.88 -11.06
CA LYS A 85 16.67 -9.10 -9.82
C LYS A 85 15.81 -9.41 -8.59
N GLY A 86 16.04 -10.57 -7.98
CA GLY A 86 15.30 -10.94 -6.79
C GLY A 86 13.80 -10.98 -6.99
N VAL A 87 13.37 -11.31 -8.20
CA VAL A 87 11.95 -11.36 -8.50
C VAL A 87 11.21 -12.37 -7.65
N VAL A 88 11.83 -13.51 -7.32
CA VAL A 88 11.13 -14.55 -6.54
C VAL A 88 10.78 -14.09 -5.13
N ALA A 89 11.69 -13.38 -4.48
CA ALA A 89 11.43 -12.86 -3.13
C ALA A 89 10.46 -11.68 -3.19
N SER A 90 10.70 -10.75 -4.13
CA SER A 90 9.84 -9.60 -4.27
C SER A 90 8.39 -9.93 -4.62
N ALA A 91 8.21 -10.91 -5.51
CA ALA A 91 6.90 -11.33 -5.95
C ALA A 91 6.05 -11.78 -4.76
N ARG A 92 6.57 -12.74 -4.00
CA ARG A 92 5.90 -13.30 -2.81
C ARG A 92 5.55 -12.17 -1.85
N LEU A 93 6.55 -11.31 -1.60
CA LEU A 93 6.40 -10.13 -0.75
C LEU A 93 5.16 -9.35 -1.20
N MET A 94 5.12 -8.98 -2.49
CA MET A 94 4.00 -8.24 -3.07
C MET A 94 2.68 -8.97 -3.03
N ILE A 95 2.73 -10.31 -3.10
CA ILE A 95 1.54 -11.17 -3.04
C ILE A 95 0.90 -11.19 -1.64
N GLY A 96 1.75 -11.26 -0.63
CA GLY A 96 1.26 -11.27 0.73
C GLY A 96 1.45 -12.60 1.44
N VAL A 97 0.57 -12.91 2.37
CA VAL A 97 0.75 -14.17 3.03
C VAL A 97 -0.48 -15.00 2.78
N THR A 98 -0.30 -16.33 2.86
CA THR A 98 -1.36 -17.32 2.65
C THR A 98 -2.76 -16.82 2.96
N ASN A 99 -2.98 -16.45 4.21
CA ASN A 99 -4.28 -15.97 4.60
C ASN A 99 -4.40 -14.51 4.15
N PRO A 100 -5.35 -14.19 3.25
CA PRO A 100 -5.52 -12.82 2.79
C PRO A 100 -5.76 -11.88 3.95
N LEU A 101 -6.50 -12.32 4.95
CA LEU A 101 -6.76 -11.47 6.11
C LEU A 101 -5.54 -11.11 6.95
N ALA A 102 -4.44 -11.84 6.82
CA ALA A 102 -3.25 -11.48 7.60
C ALA A 102 -2.31 -10.71 6.71
N SER A 103 -2.73 -10.54 5.46
CA SER A 103 -1.86 -9.86 4.53
C SER A 103 -2.03 -8.40 4.71
N ALA A 104 -0.90 -7.72 4.87
CA ALA A 104 -0.91 -6.26 5.07
C ALA A 104 -1.46 -5.56 3.85
N PRO A 105 -1.99 -4.34 4.03
CA PRO A 105 -2.57 -3.53 2.94
C PRO A 105 -1.39 -3.15 2.02
N GLY A 106 -1.63 -3.10 0.71
CA GLY A 106 -0.54 -2.79 -0.21
C GLY A 106 -0.19 -4.03 -1.02
N SER A 107 -0.33 -5.21 -0.42
CA SER A 107 -0.06 -6.45 -1.07
C SER A 107 -1.31 -6.86 -1.85
N ILE A 108 -1.16 -7.85 -2.70
CA ILE A 108 -2.28 -8.28 -3.50
C ILE A 108 -3.33 -8.91 -2.65
N ARG A 109 -2.99 -9.97 -1.94
CA ARG A 109 -3.98 -10.64 -1.10
C ARG A 109 -4.52 -9.72 0.02
N GLY A 110 -3.69 -8.84 0.53
CA GLY A 110 -4.13 -7.94 1.57
C GLY A 110 -5.19 -6.95 1.11
N ASP A 111 -5.04 -6.47 -0.13
CA ASP A 111 -5.97 -5.51 -0.70
C ASP A 111 -7.21 -6.09 -1.29
N PHE A 112 -7.08 -7.27 -1.91
CA PHE A 112 -8.20 -7.97 -2.59
C PHE A 112 -8.75 -9.27 -2.02
N GLY A 113 -8.01 -9.93 -1.13
CA GLY A 113 -8.44 -11.23 -0.62
C GLY A 113 -9.10 -11.38 0.74
N VAL A 114 -9.80 -12.49 0.96
CA VAL A 114 -10.48 -12.69 2.24
C VAL A 114 -10.51 -14.15 2.75
N ASP A 115 -10.62 -15.10 1.84
CA ASP A 115 -10.71 -16.50 2.20
C ASP A 115 -9.45 -17.16 1.70
N VAL A 116 -8.81 -17.98 2.50
CA VAL A 116 -7.60 -18.62 2.04
C VAL A 116 -7.93 -19.52 0.83
N GLY A 117 -9.18 -19.96 0.75
CA GLY A 117 -9.59 -20.83 -0.35
C GLY A 117 -9.57 -20.11 -1.67
N ARG A 118 -9.82 -18.81 -1.62
CA ARG A 118 -9.86 -17.95 -2.80
C ARG A 118 -8.87 -16.83 -2.59
N ASN A 119 -7.58 -17.16 -2.65
CA ASN A 119 -6.59 -16.14 -2.46
C ASN A 119 -5.91 -15.54 -3.68
N ILE A 120 -6.69 -15.43 -4.74
CA ILE A 120 -6.31 -14.77 -5.99
C ILE A 120 -5.11 -15.19 -6.81
N ILE A 121 -3.95 -15.30 -6.20
CA ILE A 121 -2.77 -15.56 -7.00
C ILE A 121 -1.77 -16.58 -6.39
N HIS A 122 -0.90 -17.09 -7.25
CA HIS A 122 0.14 -18.00 -6.81
C HIS A 122 1.46 -17.43 -7.29
N GLY A 123 2.48 -17.52 -6.45
CA GLY A 123 3.82 -17.04 -6.79
C GLY A 123 4.77 -18.14 -6.35
N SER A 124 5.78 -18.42 -7.15
CA SER A 124 6.73 -19.47 -6.80
C SER A 124 7.41 -19.08 -5.50
N ASP A 125 7.64 -20.05 -4.60
CA ASP A 125 8.29 -19.75 -3.31
C ASP A 125 9.81 -19.67 -3.30
N SER A 126 10.45 -20.39 -4.22
CA SER A 126 11.89 -20.40 -4.31
C SER A 126 12.28 -20.55 -5.75
N VAL A 127 13.48 -20.07 -6.08
CA VAL A 127 13.99 -20.17 -7.45
C VAL A 127 13.91 -21.62 -7.93
N GLU A 128 13.94 -22.56 -6.99
CA GLU A 128 13.86 -23.99 -7.29
C GLU A 128 12.48 -24.32 -7.80
N SER A 129 11.45 -23.85 -7.09
CA SER A 129 10.04 -24.08 -7.47
C SER A 129 9.68 -23.24 -8.70
N ALA A 130 10.46 -22.17 -8.88
CA ALA A 130 10.30 -21.28 -10.01
C ALA A 130 10.64 -22.11 -11.26
N ASN A 131 11.91 -22.51 -11.37
CA ASN A 131 12.45 -23.30 -12.49
C ASN A 131 11.64 -24.54 -12.86
N ARG A 132 11.04 -25.17 -11.86
CA ARG A 132 10.20 -26.33 -12.07
C ARG A 132 8.84 -25.91 -12.61
N GLU A 133 8.18 -25.00 -11.88
CA GLU A 133 6.85 -24.51 -12.26
C GLU A 133 6.77 -23.93 -13.67
N ILE A 134 7.80 -23.19 -14.02
CA ILE A 134 7.93 -22.58 -15.36
C ILE A 134 7.91 -23.69 -16.43
N ALA A 135 8.87 -24.61 -16.33
CA ALA A 135 9.03 -25.77 -17.20
C ALA A 135 7.80 -26.67 -17.22
N LEU A 136 6.87 -26.43 -16.32
CA LEU A 136 5.66 -27.23 -16.25
C LEU A 136 4.55 -26.55 -17.06
N TRP A 137 4.41 -25.25 -16.87
CA TRP A 137 3.37 -24.46 -17.54
C TRP A 137 3.77 -23.87 -18.90
N PHE A 138 5.07 -23.74 -19.16
CA PHE A 138 5.49 -23.16 -20.41
C PHE A 138 6.46 -23.92 -21.28
N LYS A 139 6.05 -24.18 -22.53
CA LYS A 139 6.92 -24.83 -23.51
C LYS A 139 7.99 -23.74 -23.67
N PRO A 140 9.28 -24.11 -23.63
CA PRO A 140 10.34 -23.09 -23.76
C PRO A 140 10.15 -22.08 -24.89
N GLU A 141 9.45 -22.50 -25.93
CA GLU A 141 9.21 -21.64 -27.07
C GLU A 141 8.43 -20.37 -26.67
N GLU A 142 7.57 -20.49 -25.67
CA GLU A 142 6.72 -19.40 -25.19
C GLU A 142 7.37 -18.37 -24.28
N LEU A 143 8.69 -18.41 -24.15
CA LEU A 143 9.38 -17.46 -23.28
C LEU A 143 10.42 -16.67 -24.07
N LEU A 144 10.48 -15.37 -23.83
CA LEU A 144 11.43 -14.51 -24.53
C LEU A 144 12.87 -15.02 -24.36
N THR A 145 13.56 -15.19 -25.48
CA THR A 145 14.93 -15.68 -25.45
C THR A 145 15.87 -14.58 -24.95
N GLU A 146 15.40 -13.34 -24.98
CA GLU A 146 16.18 -12.19 -24.54
C GLU A 146 15.25 -11.21 -23.83
N VAL A 147 15.83 -10.33 -23.03
CA VAL A 147 15.06 -9.33 -22.30
C VAL A 147 15.90 -8.07 -22.07
N LYS A 148 15.26 -6.92 -22.28
CA LYS A 148 15.90 -5.63 -22.09
C LYS A 148 14.99 -4.78 -21.22
N PRO A 149 15.34 -4.61 -19.95
CA PRO A 149 14.53 -3.81 -19.02
C PRO A 149 14.88 -2.34 -19.16
N ASN A 150 14.00 -1.48 -18.67
CA ASN A 150 14.22 -0.04 -18.73
C ASN A 150 15.62 0.20 -18.16
N PRO A 151 16.49 0.81 -18.95
CA PRO A 151 17.85 1.07 -18.47
C PRO A 151 17.88 1.88 -17.17
N ASN A 152 16.77 2.50 -16.82
CA ASN A 152 16.68 3.31 -15.60
C ASN A 152 16.43 2.47 -14.35
N LEU A 153 16.27 1.16 -14.58
CA LEU A 153 15.99 0.22 -13.51
C LEU A 153 17.18 -0.32 -12.71
N TYR A 154 18.24 -0.70 -13.41
CA TYR A 154 19.44 -1.28 -12.78
C TYR A 154 20.68 -0.47 -13.10
N GLU A 155 21.74 -0.73 -12.34
CA GLU A 155 23.00 -0.04 -12.55
C GLU A 155 23.93 -0.94 -13.36
N VAL B 6 -17.42 -16.96 11.17
CA VAL B 6 -18.32 -17.19 10.00
C VAL B 6 -18.27 -15.93 9.12
N ASN B 7 -18.45 -16.12 7.82
CA ASN B 7 -18.44 -15.05 6.81
C ASN B 7 -19.63 -14.11 6.92
N LYS B 8 -20.07 -13.87 8.15
CA LYS B 8 -21.20 -13.01 8.40
C LYS B 8 -20.86 -12.10 9.58
N GLU B 9 -19.61 -12.14 10.00
CA GLU B 9 -19.18 -11.26 11.08
C GLU B 9 -19.32 -9.85 10.53
N ARG B 10 -19.58 -8.87 11.39
CA ARG B 10 -19.74 -7.48 10.97
C ARG B 10 -18.92 -6.52 11.84
N THR B 11 -18.67 -5.32 11.32
CA THR B 11 -17.94 -4.29 12.05
C THR B 11 -18.55 -2.93 11.76
N PHE B 12 -18.39 -2.03 12.72
CA PHE B 12 -18.87 -0.67 12.55
C PHE B 12 -17.68 0.23 12.19
N LEU B 13 -17.84 0.94 11.10
CA LEU B 13 -16.83 1.85 10.62
C LEU B 13 -17.54 3.16 10.56
N ALA B 14 -16.79 4.24 10.68
CA ALA B 14 -17.38 5.55 10.61
C ALA B 14 -16.34 6.54 10.13
N VAL B 15 -16.59 7.18 8.99
CA VAL B 15 -15.68 8.20 8.49
C VAL B 15 -15.97 9.46 9.33
N LYS B 16 -14.98 9.84 10.11
CA LYS B 16 -15.12 10.99 10.94
C LYS B 16 -15.17 12.27 10.11
N PRO B 17 -15.60 13.39 10.73
CA PRO B 17 -15.73 14.69 10.10
C PRO B 17 -14.57 15.16 9.21
N ASP B 18 -13.35 14.78 9.58
CA ASP B 18 -12.19 15.18 8.79
C ASP B 18 -12.08 14.36 7.51
N GLY B 19 -12.44 13.07 7.58
CA GLY B 19 -12.39 12.20 6.43
C GLY B 19 -13.48 12.70 5.51
N VAL B 20 -14.66 12.96 6.08
CA VAL B 20 -15.81 13.46 5.31
C VAL B 20 -15.51 14.78 4.65
N ALA B 21 -14.94 15.72 5.40
CA ALA B 21 -14.61 17.07 4.88
C ALA B 21 -13.46 17.10 3.90
N ARG B 22 -12.52 16.19 4.05
CA ARG B 22 -11.39 16.12 3.14
C ARG B 22 -11.78 15.35 1.87
N GLY B 23 -12.98 14.81 1.81
CA GLY B 23 -13.39 14.10 0.60
C GLY B 23 -12.81 12.71 0.42
N LEU B 24 -12.70 11.96 1.53
CA LEU B 24 -12.17 10.60 1.53
C LEU B 24 -13.24 9.51 1.68
N VAL B 25 -14.50 9.87 1.62
CA VAL B 25 -15.55 8.86 1.76
C VAL B 25 -15.47 7.75 0.70
N GLY B 26 -15.57 8.11 -0.57
CA GLY B 26 -15.49 7.12 -1.64
C GLY B 26 -14.24 6.25 -1.61
N GLU B 27 -13.08 6.85 -1.34
CA GLU B 27 -11.82 6.12 -1.31
C GLU B 27 -11.86 5.08 -0.22
N ILE B 28 -12.30 5.48 0.96
CA ILE B 28 -12.39 4.56 2.07
C ILE B 28 -13.40 3.42 1.79
N ILE B 29 -14.57 3.73 1.26
CA ILE B 29 -15.49 2.63 0.98
C ILE B 29 -14.93 1.67 -0.09
N ALA B 30 -14.33 2.23 -1.15
CA ALA B 30 -13.78 1.43 -2.24
C ALA B 30 -12.73 0.46 -1.75
N ARG B 31 -11.90 0.89 -0.82
CA ARG B 31 -10.88 0.00 -0.28
C ARG B 31 -11.46 -1.31 0.28
N TYR B 32 -12.58 -1.21 1.01
CA TYR B 32 -13.27 -2.34 1.63
C TYR B 32 -14.05 -3.08 0.57
N GLU B 33 -14.66 -2.36 -0.36
CA GLU B 33 -15.39 -3.03 -1.43
C GLU B 33 -14.45 -3.94 -2.25
N LYS B 34 -13.23 -3.46 -2.51
CA LYS B 34 -12.23 -4.23 -3.27
C LYS B 34 -11.77 -5.46 -2.49
N LYS B 35 -11.68 -5.32 -1.17
CA LYS B 35 -11.23 -6.38 -0.28
C LYS B 35 -12.17 -7.61 -0.29
N GLY B 36 -13.47 -7.38 -0.34
CA GLY B 36 -14.39 -8.49 -0.39
C GLY B 36 -15.56 -8.34 0.55
N PHE B 37 -15.53 -7.33 1.39
CA PHE B 37 -16.60 -7.11 2.35
C PHE B 37 -17.86 -6.47 1.76
N VAL B 38 -19.02 -6.86 2.27
CA VAL B 38 -20.27 -6.33 1.78
C VAL B 38 -20.81 -5.25 2.68
N LEU B 39 -21.26 -4.17 2.06
CA LEU B 39 -21.85 -3.03 2.75
C LEU B 39 -23.21 -3.55 3.19
N VAL B 40 -23.51 -3.42 4.46
CA VAL B 40 -24.75 -3.93 4.99
C VAL B 40 -25.64 -2.82 5.52
N GLY B 41 -25.01 -1.67 5.75
CA GLY B 41 -25.69 -0.50 6.22
C GLY B 41 -24.80 0.68 5.90
N LEU B 42 -25.40 1.83 5.64
CA LEU B 42 -24.67 3.05 5.30
C LEU B 42 -25.59 4.24 5.50
N LYS B 43 -25.06 5.36 5.97
CA LYS B 43 -25.84 6.58 6.16
C LYS B 43 -24.97 7.71 6.68
N GLN B 44 -25.34 8.93 6.35
CA GLN B 44 -24.62 10.10 6.82
C GLN B 44 -25.49 10.90 7.80
N LEU B 45 -24.88 11.23 8.95
CA LEU B 45 -25.56 11.97 10.01
C LEU B 45 -24.55 12.76 10.85
N VAL B 46 -25.04 13.72 11.62
CA VAL B 46 -24.15 14.45 12.50
C VAL B 46 -24.43 13.92 13.89
N PRO B 47 -23.40 13.34 14.52
CA PRO B 47 -23.56 12.79 15.87
C PRO B 47 -24.05 13.83 16.89
N THR B 48 -24.88 13.39 17.83
CA THR B 48 -25.37 14.25 18.90
C THR B 48 -24.44 13.98 20.08
N LYS B 49 -24.25 14.96 20.97
CA LYS B 49 -23.38 14.79 22.13
C LYS B 49 -23.67 13.48 22.85
N ASP B 50 -24.95 13.16 22.97
CA ASP B 50 -25.40 11.93 23.61
C ASP B 50 -24.73 10.71 22.97
N LEU B 51 -24.81 10.62 21.64
CA LEU B 51 -24.24 9.50 20.88
C LEU B 51 -22.72 9.44 20.93
N ALA B 52 -22.06 10.60 20.83
CA ALA B 52 -20.61 10.65 20.86
C ALA B 52 -20.15 10.11 22.20
N GLU B 53 -20.73 10.63 23.28
CA GLU B 53 -20.38 10.18 24.63
C GLU B 53 -20.56 8.68 24.77
N SER B 54 -21.76 8.22 24.45
CA SER B 54 -22.07 6.79 24.56
C SER B 54 -21.12 5.94 23.71
N HIS B 55 -20.86 6.40 22.51
CA HIS B 55 -19.98 5.72 21.58
C HIS B 55 -18.56 5.65 22.15
N TYR B 56 -18.14 6.70 22.87
CA TYR B 56 -16.79 6.78 23.47
C TYR B 56 -16.76 6.47 24.96
N ALA B 57 -17.84 5.84 25.42
CA ALA B 57 -18.02 5.48 26.81
C ALA B 57 -16.72 5.06 27.51
N GLU B 58 -16.04 4.07 26.94
CA GLU B 58 -14.81 3.52 27.52
C GLU B 58 -13.64 4.48 27.74
N HIS B 59 -13.78 5.73 27.33
CA HIS B 59 -12.69 6.68 27.51
C HIS B 59 -13.22 7.86 28.30
N LYS B 60 -14.31 7.62 29.03
CA LYS B 60 -14.98 8.64 29.83
C LYS B 60 -14.09 9.61 30.59
N GLU B 61 -13.15 9.09 31.37
CA GLU B 61 -12.27 9.98 32.12
C GLU B 61 -10.84 10.02 31.57
N ARG B 62 -10.73 10.06 30.25
CA ARG B 62 -9.45 10.15 29.60
C ARG B 62 -9.29 11.60 29.16
N PRO B 63 -8.07 12.13 29.22
CA PRO B 63 -7.81 13.53 28.84
C PRO B 63 -8.38 13.93 27.48
N PHE B 64 -8.22 13.04 26.51
CA PHE B 64 -8.69 13.30 25.17
C PHE B 64 -10.19 13.16 24.96
N PHE B 65 -10.88 12.51 25.89
CA PHE B 65 -12.32 12.30 25.79
C PHE B 65 -13.10 13.58 25.47
N GLY B 66 -12.67 14.71 26.01
CA GLY B 66 -13.36 15.96 25.73
C GLY B 66 -13.43 16.28 24.25
N GLY B 67 -12.26 16.31 23.61
CA GLY B 67 -12.17 16.61 22.19
C GLY B 67 -12.77 15.57 21.25
N LEU B 68 -12.75 14.29 21.64
CA LEU B 68 -13.33 13.22 20.82
C LEU B 68 -14.81 13.46 20.59
N VAL B 69 -15.51 13.70 21.69
CA VAL B 69 -16.94 13.96 21.63
C VAL B 69 -17.26 15.23 20.86
N SER B 70 -16.51 16.30 21.11
CA SER B 70 -16.72 17.58 20.45
C SER B 70 -16.51 17.50 18.94
N PHE B 71 -15.34 17.03 18.56
CA PHE B 71 -14.97 16.90 17.16
C PHE B 71 -15.94 16.01 16.38
N ILE B 72 -16.27 14.83 16.91
CA ILE B 72 -17.15 13.91 16.21
C ILE B 72 -18.61 14.37 16.08
N THR B 73 -18.91 15.54 16.60
CA THR B 73 -20.25 16.08 16.50
C THR B 73 -20.20 17.46 15.83
N SER B 74 -18.99 17.89 15.43
CA SER B 74 -18.77 19.18 14.76
C SER B 74 -19.12 19.11 13.27
N GLY B 75 -19.60 17.94 12.85
CA GLY B 75 -19.95 17.79 11.47
C GLY B 75 -20.49 16.41 11.13
N PRO B 76 -20.89 16.19 9.87
CA PRO B 76 -21.42 14.93 9.38
C PRO B 76 -20.41 13.82 9.46
N VAL B 77 -20.88 12.63 9.83
CA VAL B 77 -20.08 11.42 9.98
C VAL B 77 -20.78 10.46 9.04
N VAL B 78 -20.02 9.69 8.24
CA VAL B 78 -20.66 8.70 7.37
C VAL B 78 -20.48 7.38 8.10
N ALA B 79 -21.57 6.91 8.69
CA ALA B 79 -21.56 5.65 9.45
C ALA B 79 -21.81 4.52 8.50
N MET B 80 -21.17 3.39 8.73
CA MET B 80 -21.36 2.24 7.86
C MET B 80 -21.05 0.92 8.59
N VAL B 81 -21.62 -0.17 8.08
CA VAL B 81 -21.47 -1.49 8.67
C VAL B 81 -21.11 -2.42 7.52
N PHE B 82 -19.93 -3.03 7.57
CA PHE B 82 -19.55 -3.95 6.52
C PHE B 82 -19.72 -5.35 7.09
N GLU B 83 -19.69 -6.37 6.23
CA GLU B 83 -19.85 -7.77 6.63
C GLU B 83 -18.90 -8.72 5.87
N GLY B 84 -18.30 -9.67 6.57
CA GLY B 84 -17.40 -10.60 5.92
C GLY B 84 -16.57 -11.38 6.91
N LYS B 85 -15.99 -12.47 6.46
CA LYS B 85 -15.14 -13.30 7.31
C LYS B 85 -14.00 -12.41 7.89
N GLY B 86 -13.91 -12.35 9.22
CA GLY B 86 -12.82 -11.60 9.89
C GLY B 86 -12.72 -10.12 9.60
N VAL B 87 -13.86 -9.52 9.30
CA VAL B 87 -13.87 -8.12 8.98
C VAL B 87 -13.36 -7.21 10.06
N VAL B 88 -13.64 -7.50 11.32
CA VAL B 88 -13.21 -6.64 12.42
C VAL B 88 -11.69 -6.54 12.55
N ALA B 89 -10.99 -7.65 12.45
CA ALA B 89 -9.54 -7.61 12.51
C ALA B 89 -8.96 -7.05 11.19
N SER B 90 -9.63 -7.33 10.07
CA SER B 90 -9.22 -6.82 8.75
C SER B 90 -9.44 -5.29 8.59
N ALA B 91 -10.59 -4.79 9.03
CA ALA B 91 -10.87 -3.37 8.94
C ALA B 91 -9.80 -2.60 9.71
N ARG B 92 -9.55 -3.03 10.97
CA ARG B 92 -8.55 -2.39 11.83
C ARG B 92 -7.16 -2.36 11.21
N LEU B 93 -6.75 -3.48 10.64
CA LEU B 93 -5.45 -3.58 10.00
C LEU B 93 -5.43 -2.54 8.88
N MET B 94 -6.46 -2.55 8.05
CA MET B 94 -6.55 -1.62 6.94
C MET B 94 -6.52 -0.16 7.40
N ILE B 95 -7.17 0.14 8.53
CA ILE B 95 -7.22 1.51 9.02
C ILE B 95 -5.85 1.99 9.47
N GLY B 96 -5.07 1.09 10.06
CA GLY B 96 -3.73 1.42 10.55
C GLY B 96 -3.76 1.53 12.05
N VAL B 97 -2.81 2.25 12.66
CA VAL B 97 -2.76 2.42 14.11
C VAL B 97 -3.10 3.87 14.47
N THR B 98 -3.45 4.08 15.74
CA THR B 98 -3.86 5.39 16.24
C THR B 98 -3.15 6.61 15.66
N ASN B 99 -1.82 6.62 15.76
CA ASN B 99 -1.09 7.76 15.24
C ASN B 99 -0.97 7.53 13.78
N PRO B 100 -1.49 8.45 12.96
CA PRO B 100 -1.36 8.24 11.52
C PRO B 100 0.11 8.22 11.13
N LEU B 101 0.96 8.94 11.84
CA LEU B 101 2.39 8.94 11.50
C LEU B 101 3.08 7.59 11.63
N ALA B 102 2.53 6.75 12.48
CA ALA B 102 3.07 5.43 12.72
C ALA B 102 2.36 4.39 11.87
N SER B 103 1.44 4.83 11.03
CA SER B 103 0.74 3.88 10.20
C SER B 103 1.55 3.61 8.96
N ALA B 104 1.65 2.34 8.65
CA ALA B 104 2.40 1.91 7.49
C ALA B 104 1.70 2.38 6.25
N PRO B 105 2.45 2.66 5.19
CA PRO B 105 1.86 3.11 3.93
C PRO B 105 0.93 1.97 3.47
N GLY B 106 -0.16 2.28 2.79
CA GLY B 106 -1.09 1.23 2.39
C GLY B 106 -2.36 1.26 3.23
N SER B 107 -2.23 1.67 4.50
CA SER B 107 -3.36 1.78 5.41
C SER B 107 -4.03 3.13 5.26
N ILE B 108 -5.29 3.22 5.67
CA ILE B 108 -5.99 4.49 5.48
C ILE B 108 -5.26 5.62 6.18
N ARG B 109 -5.05 5.46 7.47
CA ARG B 109 -4.39 6.49 8.26
C ARG B 109 -2.96 6.72 7.80
N GLY B 110 -2.33 5.70 7.26
CA GLY B 110 -0.96 5.89 6.85
C GLY B 110 -0.83 6.61 5.55
N ASP B 111 -1.84 6.51 4.71
CA ASP B 111 -1.82 7.13 3.40
C ASP B 111 -2.30 8.58 3.42
N PHE B 112 -3.26 8.88 4.30
CA PHE B 112 -3.87 10.22 4.40
C PHE B 112 -3.83 11.02 5.73
N GLY B 113 -3.53 10.36 6.84
CA GLY B 113 -3.53 11.06 8.12
C GLY B 113 -2.19 11.52 8.64
N VAL B 114 -2.22 12.52 9.53
CA VAL B 114 -1.00 13.08 10.11
C VAL B 114 -1.10 13.44 11.61
N ASP B 115 -2.29 13.66 12.12
CA ASP B 115 -2.44 14.03 13.52
C ASP B 115 -3.36 13.01 14.20
N VAL B 116 -3.05 12.63 15.43
CA VAL B 116 -3.92 11.68 16.14
C VAL B 116 -5.31 12.27 16.32
N GLY B 117 -5.38 13.60 16.47
CA GLY B 117 -6.64 14.27 16.68
C GLY B 117 -7.58 14.23 15.49
N ARG B 118 -7.00 14.18 14.29
CA ARG B 118 -7.76 14.14 13.05
C ARG B 118 -7.31 12.88 12.31
N ASN B 119 -7.69 11.72 12.81
CA ASN B 119 -7.26 10.50 12.16
C ASN B 119 -8.27 9.76 11.31
N ILE B 120 -9.04 10.54 10.56
CA ILE B 120 -9.98 10.09 9.54
C ILE B 120 -11.14 9.13 9.75
N ILE B 121 -10.88 7.99 10.37
CA ILE B 121 -11.93 7.01 10.48
C ILE B 121 -11.85 6.19 11.76
N HIS B 122 -12.96 5.52 12.10
CA HIS B 122 -13.03 4.69 13.29
C HIS B 122 -13.52 3.32 12.92
N GLY B 123 -12.88 2.31 13.48
CA GLY B 123 -13.29 0.96 13.18
C GLY B 123 -13.44 0.30 14.51
N SER B 124 -14.43 -0.58 14.67
CA SER B 124 -14.64 -1.28 15.93
C SER B 124 -13.35 -2.08 16.27
N ASP B 125 -13.02 -2.22 17.54
CA ASP B 125 -11.82 -2.96 17.93
C ASP B 125 -12.00 -4.47 18.10
N SER B 126 -13.23 -4.88 18.42
CA SER B 126 -13.55 -6.28 18.65
C SER B 126 -15.02 -6.50 18.29
N VAL B 127 -15.37 -7.78 18.08
CA VAL B 127 -16.75 -8.14 17.73
C VAL B 127 -17.69 -7.71 18.84
N GLU B 128 -17.15 -7.62 20.05
CA GLU B 128 -17.90 -7.19 21.24
C GLU B 128 -18.36 -5.77 20.96
N SER B 129 -17.39 -4.88 20.74
CA SER B 129 -17.66 -3.48 20.45
C SER B 129 -18.45 -3.29 19.15
N ALA B 130 -18.27 -4.21 18.19
CA ALA B 130 -18.96 -4.10 16.93
C ALA B 130 -20.46 -4.16 17.22
N ASN B 131 -20.89 -5.29 17.76
CA ASN B 131 -22.29 -5.53 18.07
C ASN B 131 -22.93 -4.39 18.80
N ARG B 132 -22.16 -3.82 19.71
CA ARG B 132 -22.60 -2.70 20.52
C ARG B 132 -22.74 -1.47 19.65
N GLU B 133 -21.61 -1.03 19.07
CA GLU B 133 -21.56 0.14 18.23
C GLU B 133 -22.59 0.14 17.13
N ILE B 134 -22.72 -1.00 16.47
CA ILE B 134 -23.72 -1.15 15.41
C ILE B 134 -25.11 -0.82 16.00
N ALA B 135 -25.48 -1.54 17.05
CA ALA B 135 -26.77 -1.37 17.73
C ALA B 135 -27.03 0.08 18.16
N LEU B 136 -25.95 0.86 18.29
CA LEU B 136 -26.04 2.25 18.70
C LEU B 136 -26.28 3.25 17.57
N TRP B 137 -25.73 3.00 16.38
CA TRP B 137 -25.93 3.95 15.29
C TRP B 137 -26.92 3.51 14.21
N PHE B 138 -27.34 2.25 14.22
CA PHE B 138 -28.29 1.75 13.23
C PHE B 138 -29.49 1.01 13.82
N LYS B 139 -30.68 1.44 13.40
CA LYS B 139 -31.93 0.81 13.84
C LYS B 139 -31.88 -0.45 13.02
N PRO B 140 -32.15 -1.62 13.62
CA PRO B 140 -32.10 -2.89 12.88
C PRO B 140 -32.71 -2.91 11.46
N GLU B 141 -33.66 -2.01 11.23
CA GLU B 141 -34.33 -1.91 9.94
C GLU B 141 -33.40 -1.44 8.83
N GLU B 142 -32.38 -0.66 9.18
CA GLU B 142 -31.38 -0.08 8.25
C GLU B 142 -30.21 -0.98 7.82
N LEU B 143 -30.25 -2.24 8.23
CA LEU B 143 -29.19 -3.19 7.92
C LEU B 143 -29.78 -4.33 7.07
N LEU B 144 -29.04 -4.77 6.06
CA LEU B 144 -29.50 -5.85 5.19
C LEU B 144 -29.80 -7.12 6.02
N THR B 145 -30.98 -7.69 5.82
CA THR B 145 -31.39 -8.89 6.53
C THR B 145 -30.73 -10.11 5.88
N GLU B 146 -30.23 -9.91 4.66
CA GLU B 146 -29.56 -10.97 3.91
C GLU B 146 -28.37 -10.39 3.15
N VAL B 147 -27.37 -11.24 2.89
CA VAL B 147 -26.19 -10.83 2.16
C VAL B 147 -25.69 -11.94 1.25
N LYS B 148 -25.30 -11.56 0.04
CA LYS B 148 -24.80 -12.52 -0.94
C LYS B 148 -23.55 -11.91 -1.54
N PRO B 149 -22.37 -12.33 -1.06
CA PRO B 149 -21.07 -11.83 -1.52
C PRO B 149 -20.65 -12.53 -2.82
N ASN B 150 -19.74 -11.89 -3.56
CA ASN B 150 -19.24 -12.46 -4.81
C ASN B 150 -18.91 -13.94 -4.55
N PRO B 151 -19.42 -14.83 -5.38
CA PRO B 151 -19.14 -16.25 -5.17
C PRO B 151 -17.66 -16.57 -5.34
N ASN B 152 -16.92 -15.64 -5.92
CA ASN B 152 -15.48 -15.85 -6.15
C ASN B 152 -14.65 -15.45 -4.92
N LEU B 153 -15.35 -15.05 -3.86
CA LEU B 153 -14.76 -14.60 -2.60
C LEU B 153 -14.46 -15.68 -1.56
N TYR B 154 -15.45 -16.54 -1.27
CA TYR B 154 -15.31 -17.60 -0.27
C TYR B 154 -15.40 -19.02 -0.85
N GLU B 155 -14.94 -20.00 -0.09
CA GLU B 155 -14.97 -21.41 -0.49
C GLU B 155 -16.30 -22.04 0.00
N VAL C 6 6.79 20.49 16.13
CA VAL C 6 5.61 21.36 15.82
C VAL C 6 5.23 21.11 14.34
N ASN C 7 4.00 21.51 13.98
CA ASN C 7 3.44 21.36 12.62
C ASN C 7 4.13 22.24 11.58
N LYS C 8 5.43 22.47 11.80
CA LYS C 8 6.26 23.28 10.91
C LYS C 8 7.55 22.57 10.53
N GLU C 9 7.72 21.33 10.96
CA GLU C 9 8.95 20.58 10.62
C GLU C 9 9.03 20.40 9.13
N ARG C 10 10.23 20.41 8.57
CA ARG C 10 10.38 20.25 7.12
C ARG C 10 11.48 19.24 6.76
N THR C 11 11.33 18.60 5.61
CA THR C 11 12.31 17.64 5.16
C THR C 11 12.60 17.94 3.70
N PHE C 12 13.78 17.55 3.26
CA PHE C 12 14.16 17.74 1.90
C PHE C 12 14.02 16.41 1.17
N LEU C 13 13.44 16.45 0.00
CA LEU C 13 13.24 15.27 -0.81
C LEU C 13 13.73 15.66 -2.19
N ALA C 14 14.12 14.69 -2.99
CA ALA C 14 14.61 14.89 -4.34
C ALA C 14 14.39 13.62 -5.17
N VAL C 15 13.52 13.70 -6.19
CA VAL C 15 13.30 12.55 -7.07
C VAL C 15 14.61 12.51 -7.88
N LYS C 16 15.34 11.40 -7.79
CA LYS C 16 16.61 11.26 -8.49
C LYS C 16 16.37 11.01 -9.97
N PRO C 17 17.42 11.16 -10.80
CA PRO C 17 17.36 10.96 -12.27
C PRO C 17 16.51 9.84 -12.80
N ASP C 18 16.43 8.74 -12.06
CA ASP C 18 15.64 7.59 -12.50
C ASP C 18 14.16 7.79 -12.17
N GLY C 19 13.89 8.46 -11.06
CA GLY C 19 12.51 8.73 -10.71
C GLY C 19 12.01 9.65 -11.80
N VAL C 20 12.70 10.76 -11.98
CA VAL C 20 12.38 11.74 -13.03
C VAL C 20 12.29 11.09 -14.43
N ALA C 21 13.32 10.34 -14.85
CA ALA C 21 13.34 9.68 -16.16
C ALA C 21 12.25 8.64 -16.35
N ARG C 22 11.85 8.00 -15.26
CA ARG C 22 10.81 6.97 -15.39
C ARG C 22 9.40 7.57 -15.25
N GLY C 23 9.35 8.88 -15.09
CA GLY C 23 8.08 9.55 -14.99
C GLY C 23 7.34 9.26 -13.72
N LEU C 24 8.02 9.37 -12.58
CA LEU C 24 7.37 9.13 -11.31
C LEU C 24 7.30 10.41 -10.48
N VAL C 25 7.53 11.56 -11.09
CA VAL C 25 7.48 12.80 -10.33
C VAL C 25 6.08 13.02 -9.79
N GLY C 26 5.09 13.05 -10.65
CA GLY C 26 3.72 13.24 -10.18
C GLY C 26 3.23 12.29 -9.08
N GLU C 27 3.41 10.98 -9.28
CA GLU C 27 2.98 10.00 -8.30
C GLU C 27 3.63 10.26 -6.95
N ILE C 28 4.95 10.43 -6.95
CA ILE C 28 5.67 10.69 -5.71
C ILE C 28 5.09 11.93 -5.01
N ILE C 29 4.91 13.05 -5.73
CA ILE C 29 4.38 14.25 -5.08
C ILE C 29 2.98 14.01 -4.54
N ALA C 30 2.14 13.38 -5.37
CA ALA C 30 0.75 13.10 -4.99
C ALA C 30 0.66 12.33 -3.70
N ARG C 31 1.57 11.37 -3.49
CA ARG C 31 1.54 10.57 -2.28
C ARG C 31 1.70 11.42 -1.03
N TYR C 32 2.62 12.39 -1.07
CA TYR C 32 2.81 13.27 0.08
C TYR C 32 1.69 14.29 0.13
N GLU C 33 1.17 14.76 -1.01
CA GLU C 33 0.04 15.70 -0.95
C GLU C 33 -1.17 15.01 -0.28
N LYS C 34 -1.41 13.75 -0.64
CA LYS C 34 -2.53 12.96 -0.08
C LYS C 34 -2.40 12.73 1.42
N LYS C 35 -1.14 12.67 1.88
CA LYS C 35 -0.79 12.47 3.27
C LYS C 35 -1.15 13.67 4.17
N GLY C 36 -0.98 14.89 3.68
CA GLY C 36 -1.31 16.08 4.47
C GLY C 36 -0.21 17.13 4.62
N PHE C 37 0.90 16.87 3.94
CA PHE C 37 2.05 17.75 3.97
C PHE C 37 1.94 18.84 2.88
N VAL C 38 2.47 20.01 3.22
CA VAL C 38 2.48 21.17 2.31
C VAL C 38 3.84 21.38 1.61
N LEU C 39 3.80 21.61 0.30
CA LEU C 39 5.00 21.85 -0.50
C LEU C 39 5.35 23.30 -0.16
N VAL C 40 6.57 23.49 0.30
CA VAL C 40 7.12 24.78 0.72
C VAL C 40 8.13 25.26 -0.32
N GLY C 41 8.62 24.35 -1.13
CA GLY C 41 9.56 24.68 -2.16
C GLY C 41 9.47 23.55 -3.18
N LEU C 42 9.94 23.80 -4.40
CA LEU C 42 9.96 22.79 -5.46
C LEU C 42 10.74 23.39 -6.62
N LYS C 43 11.49 22.54 -7.33
CA LYS C 43 12.27 22.99 -8.47
C LYS C 43 12.99 21.82 -9.11
N GLN C 44 13.30 21.95 -10.39
CA GLN C 44 14.01 20.92 -11.10
C GLN C 44 15.32 21.51 -11.62
N LEU C 45 16.39 20.70 -11.58
CA LEU C 45 17.73 21.11 -12.00
C LEU C 45 18.65 19.91 -12.09
N VAL C 46 19.84 20.13 -12.63
CA VAL C 46 20.82 19.05 -12.72
C VAL C 46 21.87 19.37 -11.67
N PRO C 47 22.02 18.51 -10.67
CA PRO C 47 23.02 18.79 -9.64
C PRO C 47 24.42 18.80 -10.23
N THR C 48 25.27 19.64 -9.65
CA THR C 48 26.67 19.79 -10.05
C THR C 48 27.48 18.86 -9.16
N LYS C 49 28.62 18.41 -9.68
CA LYS C 49 29.49 17.52 -8.92
C LYS C 49 29.67 18.06 -7.51
N ASP C 50 29.81 19.37 -7.40
CA ASP C 50 29.99 20.06 -6.12
C ASP C 50 28.82 19.80 -5.16
N LEU C 51 27.61 19.98 -5.66
CA LEU C 51 26.42 19.80 -4.86
C LEU C 51 26.20 18.35 -4.49
N ALA C 52 26.47 17.46 -5.43
CA ALA C 52 26.30 16.04 -5.16
C ALA C 52 27.27 15.61 -4.03
N GLU C 53 28.54 15.95 -4.19
CA GLU C 53 29.59 15.62 -3.21
C GLU C 53 29.23 16.18 -1.83
N SER C 54 28.85 17.46 -1.80
CA SER C 54 28.46 18.15 -0.57
C SER C 54 27.20 17.51 0.03
N HIS C 55 26.27 17.14 -0.85
CA HIS C 55 25.03 16.51 -0.45
C HIS C 55 25.34 15.15 0.18
N TYR C 56 26.25 14.39 -0.44
CA TYR C 56 26.67 13.08 0.05
C TYR C 56 27.95 13.02 0.91
N ALA C 57 28.22 14.12 1.61
CA ALA C 57 29.40 14.30 2.47
C ALA C 57 29.66 13.15 3.41
N GLU C 58 28.66 12.75 4.18
CA GLU C 58 28.82 11.65 5.13
C GLU C 58 29.21 10.30 4.53
N HIS C 59 29.27 10.20 3.21
CA HIS C 59 29.62 8.94 2.55
C HIS C 59 30.84 9.11 1.67
N LYS C 60 31.64 10.14 1.96
CA LYS C 60 32.86 10.45 1.21
C LYS C 60 33.80 9.27 0.92
N GLU C 61 34.12 8.48 1.94
CA GLU C 61 35.05 7.34 1.80
C GLU C 61 34.38 5.98 1.68
N ARG C 62 33.19 5.95 1.11
CA ARG C 62 32.45 4.72 0.97
C ARG C 62 32.60 4.29 -0.46
N PRO C 63 32.63 2.98 -0.70
CA PRO C 63 32.79 2.42 -2.05
C PRO C 63 31.77 2.90 -3.09
N PHE C 64 30.54 3.15 -2.66
CA PHE C 64 29.48 3.60 -3.56
C PHE C 64 29.45 5.09 -3.85
N PHE C 65 29.99 5.91 -2.95
CA PHE C 65 29.99 7.36 -3.16
C PHE C 65 30.38 7.75 -4.56
N GLY C 66 31.29 6.97 -5.14
CA GLY C 66 31.72 7.25 -6.49
C GLY C 66 30.52 7.34 -7.39
N GLY C 67 29.75 6.25 -7.46
CA GLY C 67 28.55 6.22 -8.29
C GLY C 67 27.39 7.11 -7.90
N LEU C 68 27.30 7.43 -6.61
CA LEU C 68 26.25 8.29 -6.12
C LEU C 68 26.37 9.66 -6.78
N VAL C 69 27.53 10.27 -6.64
CA VAL C 69 27.76 11.61 -7.20
C VAL C 69 27.59 11.68 -8.72
N SER C 70 28.06 10.66 -9.44
CA SER C 70 27.95 10.68 -10.89
C SER C 70 26.49 10.64 -11.36
N PHE C 71 25.77 9.61 -10.92
CA PHE C 71 24.38 9.41 -11.30
C PHE C 71 23.49 10.59 -10.95
N ILE C 72 23.55 11.06 -9.73
CA ILE C 72 22.71 12.16 -9.32
C ILE C 72 23.01 13.44 -10.13
N THR C 73 24.04 13.38 -10.97
CA THR C 73 24.43 14.53 -11.78
C THR C 73 24.32 14.18 -13.27
N SER C 74 23.96 12.94 -13.56
CA SER C 74 23.81 12.49 -14.93
C SER C 74 22.48 12.92 -15.51
N GLY C 75 21.76 13.76 -14.77
CA GLY C 75 20.46 14.22 -15.25
C GLY C 75 19.71 15.08 -14.26
N PRO C 76 18.54 15.57 -14.66
CA PRO C 76 17.62 16.42 -13.88
C PRO C 76 17.13 15.75 -12.61
N VAL C 77 16.96 16.56 -11.57
CA VAL C 77 16.52 16.11 -10.27
C VAL C 77 15.43 17.06 -9.82
N VAL C 78 14.37 16.53 -9.27
CA VAL C 78 13.37 17.45 -8.78
C VAL C 78 13.52 17.57 -7.27
N ALA C 79 14.16 18.65 -6.85
CA ALA C 79 14.39 18.90 -5.45
C ALA C 79 13.10 19.50 -4.95
N MET C 80 12.75 19.22 -3.71
CA MET C 80 11.54 19.73 -3.10
C MET C 80 11.62 19.63 -1.58
N VAL C 81 10.88 20.52 -0.92
CA VAL C 81 10.80 20.67 0.53
C VAL C 81 9.33 20.59 1.04
N PHE C 82 9.00 19.59 1.86
CA PHE C 82 7.65 19.48 2.36
C PHE C 82 7.60 19.91 3.81
N GLU C 83 6.40 20.15 4.33
CA GLU C 83 6.22 20.59 5.71
C GLU C 83 4.98 19.99 6.39
N GLY C 84 5.10 19.79 7.69
CA GLY C 84 4.02 19.24 8.48
C GLY C 84 4.60 18.49 9.66
N LYS C 85 3.72 18.13 10.58
CA LYS C 85 4.09 17.38 11.79
C LYS C 85 4.80 16.05 11.45
N GLY C 86 5.96 15.84 12.05
CA GLY C 86 6.72 14.62 11.85
C GLY C 86 7.01 14.25 10.43
N VAL C 87 7.14 15.27 9.58
CA VAL C 87 7.34 15.00 8.18
C VAL C 87 8.58 14.21 7.81
N VAL C 88 9.67 14.38 8.57
CA VAL C 88 10.94 13.68 8.34
C VAL C 88 10.82 12.16 8.55
N ALA C 89 10.24 11.76 9.67
CA ALA C 89 10.07 10.34 9.99
C ALA C 89 9.06 9.74 9.06
N SER C 90 8.01 10.48 8.75
CA SER C 90 6.97 10.00 7.86
C SER C 90 7.44 9.83 6.42
N ALA C 91 8.17 10.80 5.89
CA ALA C 91 8.67 10.76 4.52
C ALA C 91 9.46 9.49 4.30
N ARG C 92 10.46 9.27 5.15
CA ARG C 92 11.31 8.07 5.10
C ARG C 92 10.45 6.79 5.12
N LEU C 93 9.51 6.69 6.05
CA LEU C 93 8.61 5.54 6.18
C LEU C 93 7.94 5.32 4.84
N MET C 94 7.32 6.37 4.30
CA MET C 94 6.66 6.27 2.99
C MET C 94 7.65 5.91 1.87
N ILE C 95 8.89 6.42 1.93
CA ILE C 95 9.92 6.13 0.91
C ILE C 95 10.31 4.65 0.95
N GLY C 96 10.41 4.08 2.14
CA GLY C 96 10.79 2.68 2.27
C GLY C 96 12.22 2.54 2.72
N VAL C 97 12.81 1.38 2.49
CA VAL C 97 14.17 1.09 2.90
C VAL C 97 15.12 1.19 1.71
N THR C 98 16.40 1.39 2.01
CA THR C 98 17.46 1.51 1.01
C THR C 98 17.34 0.54 -0.16
N ASN C 99 17.27 -0.75 0.12
CA ASN C 99 17.14 -1.71 -0.95
C ASN C 99 15.65 -1.75 -1.30
N PRO C 100 15.31 -1.38 -2.55
CA PRO C 100 13.91 -1.37 -2.98
C PRO C 100 13.23 -2.73 -2.86
N LEU C 101 14.02 -3.80 -2.99
CA LEU C 101 13.47 -5.16 -2.89
C LEU C 101 12.98 -5.52 -1.48
N ALA C 102 13.58 -4.90 -0.48
CA ALA C 102 13.22 -5.14 0.89
C ALA C 102 12.18 -4.13 1.37
N SER C 103 11.70 -3.27 0.47
CA SER C 103 10.73 -2.27 0.85
C SER C 103 9.34 -2.79 0.69
N ALA C 104 8.55 -2.65 1.73
CA ALA C 104 7.20 -3.13 1.73
C ALA C 104 6.34 -2.44 0.68
N PRO C 105 5.32 -3.15 0.16
CA PRO C 105 4.40 -2.61 -0.84
C PRO C 105 3.74 -1.44 -0.15
N GLY C 106 3.43 -0.41 -0.94
CA GLY C 106 2.81 0.78 -0.37
C GLY C 106 3.82 1.89 -0.24
N SER C 107 5.09 1.53 -0.07
CA SER C 107 6.16 2.51 0.03
C SER C 107 6.62 2.88 -1.41
N ILE C 108 7.37 3.98 -1.57
CA ILE C 108 7.77 4.37 -2.90
C ILE C 108 8.70 3.37 -3.51
N ARG C 109 9.79 3.09 -2.81
CA ARG C 109 10.78 2.14 -3.29
C ARG C 109 10.24 0.75 -3.35
N GLY C 110 9.28 0.44 -2.51
CA GLY C 110 8.75 -0.91 -2.56
C GLY C 110 7.77 -1.18 -3.68
N ASP C 111 7.16 -0.11 -4.21
CA ASP C 111 6.15 -0.22 -5.29
C ASP C 111 6.71 -0.06 -6.69
N PHE C 112 7.81 0.72 -6.81
CA PHE C 112 8.47 1.03 -8.10
C PHE C 112 9.98 0.82 -8.19
N GLY C 113 10.66 0.44 -7.12
CA GLY C 113 12.10 0.27 -7.20
C GLY C 113 12.59 -1.15 -7.25
N VAL C 114 13.80 -1.37 -7.74
CA VAL C 114 14.29 -2.74 -7.80
C VAL C 114 15.79 -2.88 -7.50
N ASP C 115 16.57 -1.85 -7.79
CA ASP C 115 18.01 -1.89 -7.56
C ASP C 115 18.38 -0.84 -6.55
N VAL C 116 19.35 -1.11 -5.69
CA VAL C 116 19.81 -0.12 -4.69
C VAL C 116 20.44 1.05 -5.44
N GLY C 117 21.02 0.78 -6.61
CA GLY C 117 21.66 1.82 -7.41
C GLY C 117 20.70 2.84 -7.98
N ARG C 118 19.53 2.35 -8.38
CA ARG C 118 18.46 3.19 -8.94
C ARG C 118 17.23 3.08 -8.03
N ASN C 119 17.27 3.74 -6.89
CA ASN C 119 16.15 3.64 -5.98
C ASN C 119 15.23 4.84 -5.86
N ILE C 120 15.11 5.54 -6.98
CA ILE C 120 14.16 6.64 -7.16
C ILE C 120 14.22 7.98 -6.42
N ILE C 121 14.23 7.94 -5.11
CA ILE C 121 14.11 9.17 -4.35
C ILE C 121 15.03 9.19 -3.12
N HIS C 122 15.18 10.38 -2.55
CA HIS C 122 16.00 10.55 -1.38
C HIS C 122 15.21 11.38 -0.39
N GLY C 123 15.24 11.01 0.88
CA GLY C 123 14.55 11.77 1.90
C GLY C 123 15.55 12.01 3.01
N SER C 124 15.48 13.17 3.64
CA SER C 124 16.38 13.50 4.75
C SER C 124 16.09 12.51 5.89
N ASP C 125 17.14 12.01 6.52
CA ASP C 125 17.01 11.03 7.60
C ASP C 125 16.78 11.61 8.99
N SER C 126 17.18 12.86 9.19
CA SER C 126 16.98 13.49 10.49
C SER C 126 16.67 14.95 10.31
N VAL C 127 16.01 15.55 11.29
CA VAL C 127 15.72 16.97 11.17
C VAL C 127 17.05 17.73 10.99
N GLU C 128 18.12 17.15 11.51
CA GLU C 128 19.44 17.74 11.42
C GLU C 128 19.89 17.79 9.97
N SER C 129 19.81 16.67 9.27
CA SER C 129 20.20 16.61 7.87
C SER C 129 19.19 17.37 7.00
N ALA C 130 17.98 17.49 7.50
CA ALA C 130 16.95 18.21 6.75
C ALA C 130 17.41 19.65 6.65
N ASN C 131 17.56 20.31 7.81
CA ASN C 131 17.97 21.72 7.88
C ASN C 131 19.18 22.04 6.99
N ARG C 132 20.13 21.11 6.92
CA ARG C 132 21.33 21.27 6.12
C ARG C 132 21.02 21.05 4.64
N GLU C 133 20.41 19.92 4.32
CA GLU C 133 20.10 19.58 2.96
C GLU C 133 19.24 20.66 2.30
N ILE C 134 18.26 21.17 3.03
CA ILE C 134 17.42 22.25 2.52
C ILE C 134 18.31 23.45 2.16
N ALA C 135 19.04 23.95 3.16
CA ALA C 135 19.95 25.10 3.00
C ALA C 135 20.95 24.95 1.85
N LEU C 136 21.22 23.72 1.43
CA LEU C 136 22.13 23.43 0.32
C LEU C 136 21.51 23.60 -1.07
N TRP C 137 20.29 23.06 -1.26
CA TRP C 137 19.60 23.11 -2.53
C TRP C 137 18.68 24.29 -2.72
N PHE C 138 18.28 24.91 -1.64
CA PHE C 138 17.34 26.02 -1.77
C PHE C 138 17.81 27.33 -1.16
N LYS C 139 17.77 28.40 -1.94
CA LYS C 139 18.09 29.73 -1.39
C LYS C 139 16.80 29.96 -0.58
N PRO C 140 16.90 30.54 0.62
CA PRO C 140 15.73 30.79 1.46
C PRO C 140 14.57 31.58 0.80
N GLU C 141 14.87 32.25 -0.30
CA GLU C 141 13.88 33.02 -1.04
C GLU C 141 12.90 32.09 -1.75
N GLU C 142 13.39 30.92 -2.16
CA GLU C 142 12.59 29.91 -2.86
C GLU C 142 11.66 29.09 -1.95
N LEU C 143 11.50 29.50 -0.69
CA LEU C 143 10.68 28.76 0.25
C LEU C 143 9.56 29.60 0.85
N LEU C 144 8.38 29.00 0.95
CA LEU C 144 7.21 29.71 1.49
C LEU C 144 7.55 30.27 2.87
N THR C 145 7.31 31.57 3.05
CA THR C 145 7.58 32.22 4.32
C THR C 145 6.48 31.89 5.32
N GLU C 146 5.33 31.49 4.79
CA GLU C 146 4.17 31.10 5.60
C GLU C 146 3.44 29.93 4.94
N VAL C 147 2.78 29.13 5.74
CA VAL C 147 2.06 27.96 5.25
C VAL C 147 0.71 27.82 5.94
N LYS C 148 -0.27 27.36 5.18
CA LYS C 148 -1.60 27.15 5.72
C LYS C 148 -2.15 25.80 5.21
N PRO C 149 -2.01 24.73 6.02
CA PRO C 149 -2.51 23.40 5.65
C PRO C 149 -4.04 23.22 5.83
N ASN C 150 -4.63 22.25 5.13
CA ASN C 150 -6.07 21.96 5.20
C ASN C 150 -6.41 22.01 6.69
N PRO C 151 -7.36 22.87 7.08
CA PRO C 151 -7.72 22.98 8.49
C PRO C 151 -8.21 21.64 9.05
N ASN C 152 -8.61 20.74 8.14
CA ASN C 152 -9.11 19.44 8.54
C ASN C 152 -7.96 18.49 8.88
N LEU C 153 -6.71 18.95 8.71
CA LEU C 153 -5.52 18.17 8.99
C LEU C 153 -4.98 18.12 10.42
N TYR C 154 -4.90 19.26 11.10
CA TYR C 154 -4.40 19.26 12.47
C TYR C 154 -5.45 19.73 13.46
N GLU C 155 -5.19 19.53 14.75
CA GLU C 155 -6.10 19.92 15.84
C GLU C 155 -5.63 21.26 16.47
S2 PPS D . 0.29 -23.37 4.61
S2 PPS D . 3.93 -21.34 1.72
OS1 PPS D . 1.00 -22.10 4.91
OS1 PPS D . 3.13 -20.30 1.06
OS2 PPS D . 0.66 -24.51 5.49
OS2 PPS D . 5.17 -21.69 1.01
OS3 PPS D . -1.15 -23.22 4.43
OS3 PPS D . 4.07 -21.20 3.18
O6P PPS D . 0.86 -23.79 3.15
O6P PPS D . 3.01 -22.64 1.56
P2 PPS D . 1.49 -22.83 2.02
O4P PPS D . 0.97 -21.49 2.36
O4P PPS D . 1.45 -23.93 3.01
O5P PPS D . 2.95 -23.07 1.92
O5' PPS D . 0.80 -23.31 0.65
C5' PPS D . -0.35 -24.03 0.63
C4' PPS D . -0.88 -23.91 -0.72
O4' PPS D . -2.22 -24.39 -0.53
C1' PPS D . -3.14 -23.32 -0.16
N9 PPS D . -3.63 -23.59 1.14
C4 PPS D . -4.91 -23.83 1.52
N3 PPS D . -5.96 -23.99 0.69
C2 PPS D . -7.00 -24.21 1.48
N1 PPS D . -7.12 -24.31 2.84
C6 PPS D . -6.05 -24.16 3.63
N6 PPS D . -6.13 -24.15 4.98
C5 PPS D . -4.89 -23.91 2.92
N7 PPS D . -3.63 -23.69 3.39
C8 PPS D . -2.95 -23.53 2.30
C2' PPS D . -2.23 -22.09 -0.13
O2' PPS D . -2.88 -20.86 -0.51
C3' PPS D . -1.09 -22.44 -1.14
O3' PPS D . -1.58 -22.29 -2.54
P1 PPS D . -0.81 -21.35 -3.62
O1P PPS D . -1.81 -21.19 -4.70
O2P PPS D . -0.44 -20.14 -2.84
O3P PPS D . 0.37 -22.15 -4.01
O6P PPS E . -7.59 2.90 22.99
P2 PPS E . -6.99 3.58 21.80
O4P PPS E . -6.84 2.81 20.53
O5P PPS E . -5.56 4.23 22.22
O5' PPS E . -7.87 4.93 21.51
C5' PPS E . -9.26 4.87 21.34
C4' PPS E . -9.79 6.05 20.52
O4' PPS E . -9.42 7.32 21.02
C1' PPS E . -8.49 7.89 20.10
N9 PPS E . -7.41 8.56 20.82
C4 PPS E . -7.26 9.95 20.87
N3 PPS E . -8.11 10.84 20.41
C2 PPS E . -7.64 12.08 20.54
N1 PPS E . -6.55 12.54 21.12
C6 PPS E . -5.75 11.63 21.68
N6 PPS E . -4.75 12.10 22.43
C5 PPS E . -6.09 10.23 21.52
N7 PPS E . -5.43 8.99 21.87
C8 PPS E . -6.30 8.01 21.53
C2' PPS E . -7.99 6.71 19.27
O2' PPS E . -7.31 6.93 18.04
C3' PPS E . -9.27 6.01 19.11
O3' PPS E . -10.24 6.78 18.41
P1 PPS E . -10.94 6.15 17.13
O1P PPS E . -10.73 4.68 17.31
O2P PPS E . -12.35 6.61 17.17
O3P PPS E . -10.12 6.74 16.07
O6P PPS F . 23.50 4.43 5.01
P2 PPS F . 22.22 4.67 4.29
O4P PPS F . 21.11 5.41 4.97
O5P PPS F . 21.67 3.26 3.76
O5' PPS F . 22.54 5.43 2.88
C5' PPS F . 22.27 6.77 2.52
C4' PPS F . 22.37 6.90 1.00
O4' PPS F . 23.50 6.13 0.60
C1' PPS F . 23.12 5.33 -0.55
N9 PPS F . 23.73 4.03 -0.71
C4 PPS F . 24.02 3.59 -1.91
N3 PPS F . 24.16 4.36 -3.01
C2 PPS F . 24.46 3.60 -4.07
N1 PPS F . 24.70 2.28 -4.15
C6 PPS F . 24.57 1.57 -3.01
N6 PPS F . 24.78 0.27 -3.04
C5 PPS F . 24.22 2.24 -1.82
N7 PPS F . 23.98 1.80 -0.54
C8 PPS F . 23.73 2.92 0.07
C2' PPS F . 21.69 5.04 -0.39
O2' PPS F . 21.14 4.78 -1.68
C3' PPS F . 21.14 6.35 0.14
O3' PPS F . 20.71 7.15 -1.03
P1 PPS F . 19.78 8.47 -0.86
O1P PPS F . 19.43 8.84 -2.26
O2P PPS F . 18.63 8.00 -0.02
O3P PPS F . 20.66 9.44 -0.16
#